data_1U9T
#
_entry.id   1U9T
#
_cell.length_a   41.684
_cell.length_b   57.880
_cell.length_c   59.578
_cell.angle_alpha   90.00
_cell.angle_beta   96.02
_cell.angle_gamma   90.00
#
_symmetry.space_group_name_H-M   'P 1 21 1'
#
loop_
_entity.id
_entity.type
_entity.pdbx_description
1 polymer 'putative heme/hemoglobin transport protein'
2 water water
#
_entity_poly.entity_id   1
_entity_poly.type   'polypeptide(L)'
_entity_poly.pdbx_seq_one_letter_code
;MGSSHHHHHHGSMNHYTRWLELKEQNPGKYARDIAGLMNIREAELAFARVTHDAWRMHGDIRDILAALESVGETKCICRN
EYAVHEQVGTFTNQHLNGHAGLILNPRALDLRLFLNQWASVFHIKENTARGERQSIQFFDHQGDALLKVYATDNTDMAAW
SELLARFITDENTPLELKAVDAPVVQTRADATVVEQEWRAMTDVHQFFTLLKRHNLTRQQAFNLVADDLACKVSNSALAQ
ILESAQQDGNEIMVFVGNRGCVQIFTGVVEKVVPMKGWLNIFNPTFTLHLLEESIAEAWVTRKPTSDGYVTSLELFAHDG
TQIAQLYGQRTEGDQEQAQWRKQIASLIPEGVAA
;
_entity_poly.pdbx_strand_id   A
#
# COMPACT_ATOMS: atom_id res chain seq x y z
N MET A 13 -22.98 -7.63 21.09
CA MET A 13 -22.65 -7.13 19.73
C MET A 13 -23.63 -7.54 18.64
N ASN A 14 -24.52 -6.61 18.31
CA ASN A 14 -25.50 -6.81 17.25
C ASN A 14 -24.69 -6.74 15.96
N HIS A 15 -23.39 -6.48 16.12
CA HIS A 15 -22.43 -6.36 15.03
C HIS A 15 -22.35 -7.62 14.18
N TYR A 16 -22.16 -8.77 14.82
CA TYR A 16 -22.04 -10.03 14.06
C TYR A 16 -23.35 -10.37 13.34
N THR A 17 -24.45 -10.18 14.06
CA THR A 17 -25.78 -10.44 13.53
C THR A 17 -26.07 -9.56 12.32
N ARG A 18 -25.84 -8.26 12.47
CA ARG A 18 -26.06 -7.31 11.38
C ARG A 18 -25.14 -7.61 10.20
N TRP A 19 -23.91 -8.03 10.52
CA TRP A 19 -22.92 -8.38 9.53
C TRP A 19 -23.51 -9.44 8.60
N LEU A 20 -23.94 -10.54 9.20
CA LEU A 20 -24.53 -11.63 8.45
C LEU A 20 -25.66 -11.10 7.61
N GLU A 21 -26.59 -10.41 8.27
CA GLU A 21 -27.73 -9.82 7.58
C GLU A 21 -27.27 -9.09 6.33
N LEU A 22 -26.44 -8.08 6.57
CA LEU A 22 -25.93 -7.24 5.50
C LEU A 22 -25.15 -7.99 4.43
N LYS A 23 -24.45 -9.06 4.82
CA LYS A 23 -23.66 -9.83 3.86
C LYS A 23 -24.26 -9.80 2.46
N GLU A 24 -23.93 -8.74 1.72
CA GLU A 24 -24.43 -8.54 0.35
C GLU A 24 -24.21 -9.77 -0.50
N GLN A 25 -22.96 -9.97 -0.92
CA GLN A 25 -22.66 -11.11 -1.78
C GLN A 25 -23.56 -10.99 -2.99
N ALA A 31 -15.73 -6.98 3.65
CA ALA A 31 -15.93 -6.57 5.07
C ALA A 31 -15.67 -5.09 5.23
N ARG A 32 -14.70 -4.60 4.47
CA ARG A 32 -14.34 -3.18 4.50
C ARG A 32 -15.59 -2.37 4.14
N ASP A 33 -16.42 -2.94 3.28
CA ASP A 33 -17.65 -2.28 2.84
C ASP A 33 -18.78 -2.43 3.85
N ILE A 34 -19.05 -3.67 4.23
CA ILE A 34 -20.11 -3.97 5.19
C ILE A 34 -19.89 -3.23 6.51
N ALA A 35 -18.62 -3.02 6.86
CA ALA A 35 -18.31 -2.31 8.09
C ALA A 35 -18.70 -0.86 7.84
N GLY A 36 -18.34 -0.37 6.66
CA GLY A 36 -18.68 0.99 6.30
C GLY A 36 -20.15 1.29 6.53
N LEU A 37 -21.02 0.52 5.88
CA LEU A 37 -22.46 0.71 6.02
C LEU A 37 -22.90 0.75 7.47
N MET A 38 -22.17 0.05 8.33
CA MET A 38 -22.50 0.01 9.75
C MET A 38 -21.84 1.18 10.46
N ASN A 39 -21.10 1.98 9.71
CA ASN A 39 -20.39 3.12 10.25
C ASN A 39 -19.45 2.72 11.38
N ILE A 40 -18.84 1.54 11.25
CA ILE A 40 -17.90 1.05 12.24
C ILE A 40 -16.59 0.73 11.49
N ARG A 41 -15.46 0.76 12.20
CA ARG A 41 -14.16 0.47 11.58
C ARG A 41 -14.10 -1.00 11.21
N GLU A 42 -13.17 -1.39 10.34
CA GLU A 42 -13.11 -2.79 9.94
C GLU A 42 -12.61 -3.68 11.07
N ALA A 43 -11.71 -3.16 11.89
CA ALA A 43 -11.17 -3.92 13.01
C ALA A 43 -12.24 -4.26 14.05
N GLU A 44 -13.32 -3.49 14.10
CA GLU A 44 -14.43 -3.74 15.03
C GLU A 44 -15.26 -4.90 14.51
N LEU A 45 -15.34 -5.01 13.19
CA LEU A 45 -16.09 -6.08 12.53
C LEU A 45 -15.29 -7.38 12.63
N ALA A 46 -13.97 -7.27 12.69
CA ALA A 46 -13.11 -8.44 12.83
C ALA A 46 -13.23 -8.86 14.29
N PHE A 47 -13.34 -7.86 15.15
CA PHE A 47 -13.48 -8.08 16.60
C PHE A 47 -14.74 -8.87 16.91
N ALA A 48 -15.83 -8.55 16.22
CA ALA A 48 -17.12 -9.20 16.43
C ALA A 48 -17.27 -10.59 15.79
N ARG A 49 -16.20 -11.10 15.18
CA ARG A 49 -16.26 -12.43 14.55
C ARG A 49 -15.27 -13.38 15.22
N VAL A 50 -14.72 -12.93 16.35
CA VAL A 50 -13.70 -13.65 17.12
C VAL A 50 -13.93 -15.11 17.53
N THR A 51 -15.17 -15.58 17.58
CA THR A 51 -15.41 -16.99 17.95
C THR A 51 -16.14 -17.71 16.82
N HIS A 52 -16.51 -16.96 15.80
CA HIS A 52 -17.21 -17.50 14.65
C HIS A 52 -16.20 -17.92 13.60
N ASP A 53 -16.00 -17.09 12.57
CA ASP A 53 -15.03 -17.40 11.52
C ASP A 53 -13.70 -16.65 11.70
N ALA A 54 -13.45 -16.16 12.91
CA ALA A 54 -12.24 -15.43 13.19
C ALA A 54 -11.71 -15.70 14.59
N TRP A 55 -10.42 -15.45 14.79
CA TRP A 55 -9.76 -15.62 16.09
C TRP A 55 -8.74 -14.51 16.22
N ARG A 56 -8.62 -13.95 17.43
CA ARG A 56 -7.66 -12.90 17.66
C ARG A 56 -6.28 -13.53 17.85
N MET A 57 -5.23 -12.82 17.45
CA MET A 57 -3.86 -13.30 17.61
C MET A 57 -3.07 -12.30 18.46
N HIS A 58 -2.18 -12.79 19.32
CA HIS A 58 -1.37 -11.91 20.17
C HIS A 58 0.13 -12.20 20.00
N GLY A 59 0.95 -11.28 20.52
CA GLY A 59 2.39 -11.43 20.45
C GLY A 59 3.08 -10.31 19.71
N ASP A 60 4.40 -10.33 19.72
CA ASP A 60 5.19 -9.32 19.04
C ASP A 60 4.85 -9.31 17.53
N ILE A 61 4.43 -8.15 17.02
CA ILE A 61 4.09 -8.00 15.60
C ILE A 61 5.26 -8.44 14.74
N ARG A 62 6.47 -8.20 15.25
CA ARG A 62 7.70 -8.56 14.55
C ARG A 62 7.93 -10.07 14.55
N ASP A 63 7.47 -10.74 15.60
CA ASP A 63 7.61 -12.18 15.69
C ASP A 63 6.69 -12.83 14.69
N ILE A 64 5.46 -12.33 14.63
CA ILE A 64 4.46 -12.81 13.68
C ILE A 64 5.01 -12.72 12.25
N LEU A 65 5.48 -11.52 11.86
CA LEU A 65 6.02 -11.30 10.51
C LEU A 65 7.18 -12.25 10.23
N ALA A 66 8.13 -12.31 11.17
CA ALA A 66 9.30 -13.16 11.04
C ALA A 66 8.90 -14.63 10.84
N ALA A 67 7.80 -15.06 11.46
CA ALA A 67 7.35 -16.44 11.30
C ALA A 67 6.62 -16.67 9.98
N LEU A 68 6.14 -15.61 9.35
CA LEU A 68 5.43 -15.78 8.10
C LEU A 68 6.38 -16.36 7.05
N GLU A 69 7.67 -16.30 7.36
CA GLU A 69 8.65 -16.81 6.44
C GLU A 69 8.58 -18.33 6.37
N SER A 70 8.16 -18.95 7.48
CA SER A 70 8.08 -20.41 7.54
C SER A 70 7.04 -20.90 6.56
N VAL A 71 5.98 -20.11 6.40
CA VAL A 71 4.93 -20.40 5.45
C VAL A 71 5.65 -20.11 4.14
N GLY A 72 5.13 -20.56 3.01
CA GLY A 72 5.83 -20.31 1.77
C GLY A 72 5.21 -19.19 0.98
N GLU A 73 4.62 -19.54 -0.16
CA GLU A 73 3.97 -18.58 -1.03
C GLU A 73 2.67 -18.06 -0.42
N THR A 74 2.39 -16.78 -0.64
CA THR A 74 1.18 -16.17 -0.13
C THR A 74 0.74 -15.08 -1.10
N LYS A 75 -0.44 -14.52 -0.87
CA LYS A 75 -0.94 -13.41 -1.68
C LYS A 75 -1.13 -12.25 -0.68
N CYS A 76 -0.35 -11.20 -0.87
CA CYS A 76 -0.39 -10.04 0.01
C CYS A 76 -1.17 -8.89 -0.61
N ILE A 77 -2.20 -8.45 0.11
CA ILE A 77 -3.03 -7.35 -0.35
C ILE A 77 -2.85 -6.14 0.55
N CYS A 78 -2.38 -5.06 -0.07
CA CYS A 78 -2.16 -3.78 0.59
C CYS A 78 -3.01 -2.79 -0.19
N ARG A 79 -3.69 -1.89 0.52
CA ARG A 79 -4.55 -0.94 -0.15
C ARG A 79 -5.02 0.26 0.67
N ASN A 80 -5.63 1.23 -0.02
CA ASN A 80 -6.21 2.41 0.60
C ASN A 80 -7.66 2.45 0.10
N GLU A 81 -8.33 3.58 0.28
CA GLU A 81 -9.72 3.68 -0.14
C GLU A 81 -9.97 3.63 -1.66
N TYR A 82 -8.95 3.93 -2.46
CA TYR A 82 -9.16 3.97 -3.91
C TYR A 82 -8.39 2.99 -4.78
N ALA A 83 -7.47 2.22 -4.21
CA ALA A 83 -6.72 1.25 -5.02
C ALA A 83 -6.29 0.05 -4.20
N VAL A 84 -6.18 -1.10 -4.85
CA VAL A 84 -5.76 -2.31 -4.16
C VAL A 84 -4.65 -3.05 -4.92
N HIS A 85 -3.51 -3.17 -4.25
CA HIS A 85 -2.28 -3.78 -4.75
C HIS A 85 -2.22 -5.21 -4.21
N GLU A 86 -2.08 -6.18 -5.11
CA GLU A 86 -2.04 -7.59 -4.69
C GLU A 86 -0.82 -8.26 -5.29
N GLN A 87 0.00 -8.84 -4.43
CA GLN A 87 1.24 -9.50 -4.85
C GLN A 87 1.46 -10.89 -4.28
N VAL A 88 1.81 -11.82 -5.16
CA VAL A 88 2.09 -13.21 -4.77
C VAL A 88 3.59 -13.26 -4.49
N GLY A 89 3.98 -14.01 -3.46
CA GLY A 89 5.39 -14.10 -3.12
C GLY A 89 5.67 -14.62 -1.74
N THR A 90 6.87 -14.36 -1.22
CA THR A 90 7.26 -14.86 0.09
C THR A 90 7.90 -13.85 1.05
N PHE A 91 7.64 -14.03 2.35
CA PHE A 91 8.19 -13.17 3.38
C PHE A 91 9.65 -13.45 3.68
N THR A 92 10.47 -13.37 2.63
CA THR A 92 11.92 -13.59 2.72
C THR A 92 12.70 -12.28 2.76
N ASN A 93 13.98 -12.35 3.12
CA ASN A 93 14.84 -11.16 3.21
C ASN A 93 14.21 -10.06 4.07
N GLN A 94 13.89 -10.38 5.31
CA GLN A 94 13.27 -9.38 6.19
C GLN A 94 14.28 -8.58 6.99
N HIS A 95 13.89 -7.35 7.32
CA HIS A 95 14.72 -6.44 8.13
C HIS A 95 13.75 -5.60 8.97
N LEU A 96 13.47 -6.04 10.19
CA LEU A 96 12.54 -5.32 11.03
C LEU A 96 12.98 -5.10 12.48
N ASN A 97 14.15 -4.50 12.65
CA ASN A 97 14.67 -4.22 13.99
C ASN A 97 14.51 -2.75 14.34
N GLY A 98 14.17 -1.94 13.34
CA GLY A 98 14.00 -0.51 13.57
C GLY A 98 12.55 -0.05 13.61
N HIS A 99 12.34 1.24 13.34
CA HIS A 99 10.99 1.81 13.35
C HIS A 99 10.26 1.44 12.06
N ALA A 100 11.01 1.37 10.97
CA ALA A 100 10.45 1.02 9.67
C ALA A 100 11.12 -0.25 9.17
N GLY A 101 10.37 -1.35 9.17
CA GLY A 101 10.93 -2.59 8.70
C GLY A 101 10.70 -2.82 7.22
N LEU A 102 11.35 -3.82 6.66
CA LEU A 102 11.13 -4.09 5.25
C LEU A 102 11.35 -5.54 4.82
N ILE A 103 10.65 -5.92 3.76
CA ILE A 103 10.73 -7.25 3.18
C ILE A 103 11.21 -6.95 1.78
N LEU A 104 12.51 -7.12 1.55
CA LEU A 104 13.11 -6.77 0.28
C LEU A 104 13.20 -7.83 -0.83
N ASN A 105 12.12 -8.06 -1.55
CA ASN A 105 12.10 -9.01 -2.65
C ASN A 105 11.49 -8.26 -3.84
N PRO A 106 12.28 -7.36 -4.46
CA PRO A 106 11.89 -6.51 -5.60
C PRO A 106 10.89 -7.03 -6.64
N ARG A 107 11.33 -7.92 -7.53
CA ARG A 107 10.44 -8.44 -8.57
C ARG A 107 9.24 -9.21 -8.01
N ALA A 108 9.13 -9.25 -6.68
CA ALA A 108 8.04 -9.97 -6.02
C ALA A 108 7.56 -9.26 -4.76
N LEU A 109 7.57 -9.96 -3.62
CA LEU A 109 7.09 -9.34 -2.37
C LEU A 109 8.05 -8.25 -1.88
N ASP A 110 7.63 -7.00 -2.04
CA ASP A 110 8.43 -5.84 -1.65
C ASP A 110 7.55 -4.89 -0.82
N LEU A 111 7.77 -4.86 0.49
CA LEU A 111 6.96 -4.02 1.39
C LEU A 111 7.76 -3.20 2.38
N ARG A 112 7.18 -2.07 2.79
CA ARG A 112 7.80 -1.18 3.77
C ARG A 112 6.77 -0.99 4.89
N LEU A 113 7.14 -1.42 6.09
CA LEU A 113 6.23 -1.35 7.23
C LEU A 113 6.60 -0.35 8.32
N PHE A 114 5.67 0.55 8.61
CA PHE A 114 5.84 1.58 9.64
C PHE A 114 5.12 1.03 10.88
N LEU A 115 5.87 0.27 11.65
CA LEU A 115 5.40 -0.41 12.85
C LEU A 115 4.58 0.33 13.91
N ASN A 116 4.94 1.56 14.26
CA ASN A 116 4.17 2.22 15.32
C ASN A 116 2.69 2.40 14.98
N GLN A 117 2.30 2.01 13.78
CA GLN A 117 0.91 2.12 13.35
C GLN A 117 0.19 0.75 13.39
N TRP A 118 0.95 -0.32 13.63
CA TRP A 118 0.38 -1.66 13.68
C TRP A 118 -0.16 -1.99 15.09
N ALA A 119 -1.48 -2.14 15.18
CA ALA A 119 -2.17 -2.40 16.46
C ALA A 119 -2.74 -3.80 16.73
N SER A 120 -3.57 -4.34 15.84
CA SER A 120 -4.14 -5.66 16.08
C SER A 120 -4.05 -6.64 14.90
N VAL A 121 -4.08 -7.93 15.21
CA VAL A 121 -3.99 -9.02 14.23
C VAL A 121 -5.05 -10.09 14.46
N PHE A 122 -5.67 -10.56 13.37
CA PHE A 122 -6.72 -11.58 13.48
C PHE A 122 -6.61 -12.64 12.36
N HIS A 123 -7.08 -13.85 12.65
CA HIS A 123 -7.11 -14.90 11.64
C HIS A 123 -8.55 -14.94 11.17
N ILE A 124 -8.75 -14.92 9.86
CA ILE A 124 -10.10 -14.94 9.31
C ILE A 124 -10.27 -15.83 8.08
N LYS A 125 -11.42 -16.49 7.98
CA LYS A 125 -11.73 -17.33 6.83
C LYS A 125 -12.70 -16.58 5.93
N GLU A 126 -12.15 -15.72 5.08
CA GLU A 126 -12.94 -14.91 4.16
C GLU A 126 -14.01 -15.72 3.47
N ASN A 127 -15.27 -15.43 3.81
CA ASN A 127 -16.42 -16.12 3.25
C ASN A 127 -16.23 -16.36 1.75
N THR A 128 -16.03 -17.63 1.39
CA THR A 128 -15.85 -18.01 0.00
C THR A 128 -17.09 -18.76 -0.45
N ALA A 129 -17.19 -19.02 -1.74
CA ALA A 129 -18.36 -19.73 -2.28
C ALA A 129 -18.15 -21.24 -2.32
N ARG A 130 -17.32 -21.70 -3.24
CA ARG A 130 -17.05 -23.12 -3.39
C ARG A 130 -16.02 -23.58 -2.36
N GLY A 131 -16.12 -23.05 -1.14
CA GLY A 131 -15.19 -23.42 -0.09
C GLY A 131 -14.85 -22.26 0.83
N GLU A 132 -13.62 -22.23 1.32
CA GLU A 132 -13.18 -21.15 2.22
C GLU A 132 -11.88 -20.50 1.76
N ARG A 133 -11.44 -19.51 2.52
CA ARG A 133 -10.23 -18.77 2.19
C ARG A 133 -9.61 -18.24 3.50
N GLN A 134 -8.39 -18.68 3.81
CA GLN A 134 -7.70 -18.28 5.03
C GLN A 134 -6.85 -17.03 4.84
N SER A 135 -6.59 -16.33 5.95
CA SER A 135 -5.76 -15.13 5.89
C SER A 135 -5.48 -14.58 7.27
N ILE A 136 -4.44 -13.76 7.35
CA ILE A 136 -3.99 -13.10 8.57
C ILE A 136 -4.05 -11.61 8.25
N GLN A 137 -4.82 -10.86 9.04
CA GLN A 137 -5.03 -9.43 8.82
C GLN A 137 -4.63 -8.51 9.98
N PHE A 138 -3.90 -7.45 9.65
CA PHE A 138 -3.42 -6.46 10.61
C PHE A 138 -4.18 -5.14 10.45
N PHE A 139 -4.39 -4.45 11.56
CA PHE A 139 -5.14 -3.18 11.56
C PHE A 139 -4.40 -2.07 12.30
N ASP A 140 -4.73 -0.84 11.94
CA ASP A 140 -4.11 0.34 12.55
C ASP A 140 -4.74 0.61 13.93
N HIS A 141 -4.23 1.64 14.59
CA HIS A 141 -4.78 2.02 15.88
C HIS A 141 -6.17 2.64 15.69
N GLN A 142 -6.40 3.19 14.50
CA GLN A 142 -7.68 3.81 14.14
C GLN A 142 -8.71 2.76 13.77
N GLY A 143 -8.26 1.52 13.59
CA GLY A 143 -9.21 0.48 13.23
C GLY A 143 -9.27 0.16 11.75
N ASP A 144 -8.38 0.74 10.94
CA ASP A 144 -8.32 0.48 9.49
C ASP A 144 -7.32 -0.62 9.11
N ALA A 145 -7.67 -1.42 8.11
CA ALA A 145 -6.79 -2.51 7.68
C ALA A 145 -5.44 -1.97 7.19
N LEU A 146 -4.36 -2.68 7.54
CA LEU A 146 -3.02 -2.30 7.11
C LEU A 146 -2.57 -3.26 6.04
N LEU A 147 -2.65 -4.55 6.35
CA LEU A 147 -2.21 -5.58 5.42
C LEU A 147 -2.97 -6.89 5.61
N LYS A 148 -3.23 -7.59 4.51
CA LYS A 148 -3.93 -8.87 4.54
C LYS A 148 -3.13 -9.91 3.76
N VAL A 149 -2.71 -10.96 4.45
CA VAL A 149 -1.92 -12.06 3.88
C VAL A 149 -2.80 -13.32 3.76
N TYR A 150 -3.16 -13.65 2.52
CA TYR A 150 -4.00 -14.79 2.17
C TYR A 150 -3.20 -16.02 1.77
N ALA A 151 -3.64 -17.19 2.24
CA ALA A 151 -2.94 -18.40 1.87
C ALA A 151 -3.37 -18.78 0.45
N THR A 152 -2.46 -19.36 -0.34
CA THR A 152 -2.79 -19.76 -1.70
C THR A 152 -2.71 -21.28 -1.84
N ASP A 153 -2.87 -21.77 -3.06
CA ASP A 153 -2.80 -23.20 -3.28
C ASP A 153 -1.38 -23.73 -3.15
N ASN A 154 -0.42 -22.82 -3.01
CA ASN A 154 0.98 -23.19 -2.84
C ASN A 154 1.52 -22.97 -1.42
N THR A 155 0.65 -22.51 -0.52
CA THR A 155 1.01 -22.25 0.87
C THR A 155 1.09 -23.56 1.67
N ASP A 156 2.15 -23.69 2.46
CA ASP A 156 2.34 -24.86 3.32
C ASP A 156 1.41 -24.73 4.55
N MET A 157 0.28 -25.42 4.52
CA MET A 157 -0.70 -25.33 5.62
C MET A 157 -0.29 -26.03 6.92
N ALA A 158 0.81 -26.77 6.87
CA ALA A 158 1.32 -27.43 8.05
C ALA A 158 2.01 -26.35 8.90
N ALA A 159 2.77 -25.48 8.25
CA ALA A 159 3.49 -24.39 8.94
C ALA A 159 2.53 -23.27 9.33
N TRP A 160 1.51 -23.07 8.50
CA TRP A 160 0.49 -22.07 8.70
C TRP A 160 -0.28 -22.44 9.97
N SER A 161 -0.49 -23.74 10.15
CA SER A 161 -1.19 -24.24 11.30
C SER A 161 -0.39 -24.02 12.58
N GLU A 162 0.91 -24.27 12.50
CA GLU A 162 1.79 -24.10 13.65
C GLU A 162 1.93 -22.62 14.01
N LEU A 163 2.01 -21.76 13.00
CA LEU A 163 2.14 -20.33 13.25
C LEU A 163 0.90 -19.85 14.01
N LEU A 164 -0.25 -20.40 13.62
CA LEU A 164 -1.53 -20.06 14.23
C LEU A 164 -1.62 -20.53 15.68
N ALA A 165 -1.19 -21.77 15.93
CA ALA A 165 -1.21 -22.35 17.28
C ALA A 165 -0.35 -21.54 18.24
N ARG A 166 0.69 -20.94 17.69
CA ARG A 166 1.63 -20.16 18.48
C ARG A 166 1.12 -18.79 18.90
N PHE A 167 0.35 -18.13 18.03
CA PHE A 167 -0.13 -16.80 18.32
C PHE A 167 -1.62 -16.65 18.62
N ILE A 168 -2.41 -17.69 18.42
CA ILE A 168 -3.84 -17.58 18.68
C ILE A 168 -4.06 -17.28 20.16
N THR A 169 -5.03 -16.43 20.47
CA THR A 169 -5.31 -16.08 21.86
C THR A 169 -6.80 -15.98 22.16
N ASP A 170 -7.16 -16.07 23.44
CA ASP A 170 -8.55 -15.97 23.86
C ASP A 170 -8.83 -14.60 24.45
N GLU A 171 -7.79 -13.83 24.70
CA GLU A 171 -7.98 -12.51 25.28
C GLU A 171 -9.05 -11.77 24.51
N ASN A 172 -8.65 -11.00 23.50
CA ASN A 172 -9.60 -10.25 22.68
C ASN A 172 -10.14 -9.04 23.42
N THR A 173 -9.20 -8.22 23.90
CA THR A 173 -9.53 -7.01 24.60
C THR A 173 -10.01 -6.02 23.55
N PRO A 174 -10.92 -5.10 23.91
CA PRO A 174 -11.48 -4.08 23.01
C PRO A 174 -10.36 -3.16 22.44
N LEU A 175 -10.64 -2.56 21.29
CA LEU A 175 -9.69 -1.74 20.55
C LEU A 175 -9.59 -0.24 20.86
N GLU A 176 -8.63 0.52 20.22
CA GLU A 176 -8.35 1.94 20.55
C GLU A 176 -8.46 3.10 19.53
N LEU A 177 -7.51 4.05 19.45
CA LEU A 177 -7.55 5.30 18.66
C LEU A 177 -6.30 5.67 17.81
N LYS A 178 -6.31 6.87 17.17
CA LYS A 178 -5.19 7.37 16.36
C LYS A 178 -4.59 8.72 16.75
N VAL A 184 5.05 13.62 17.53
CA VAL A 184 5.05 15.10 17.72
C VAL A 184 6.20 15.64 16.94
N VAL A 185 6.06 16.82 16.33
CA VAL A 185 7.19 17.35 15.57
C VAL A 185 7.18 18.88 15.58
N GLN A 186 8.33 19.52 15.55
CA GLN A 186 8.37 20.97 15.57
C GLN A 186 8.29 21.44 14.13
N THR A 187 7.55 22.53 13.90
CA THR A 187 7.45 23.01 12.53
C THR A 187 7.81 24.49 12.40
N ARG A 188 8.29 24.86 11.20
CA ARG A 188 8.73 26.22 10.91
C ARG A 188 7.92 26.84 9.81
N ALA A 189 8.08 28.15 9.64
CA ALA A 189 7.41 28.94 8.62
C ALA A 189 7.69 28.36 7.24
N ASP A 190 6.89 28.75 6.25
CA ASP A 190 7.04 28.27 4.89
C ASP A 190 7.91 29.10 3.96
N ALA A 191 7.26 29.90 3.11
CA ALA A 191 7.94 30.73 2.12
C ALA A 191 8.41 29.76 1.04
N THR A 192 9.69 29.80 0.70
CA THR A 192 10.22 28.87 -0.30
C THR A 192 11.51 28.26 0.19
N VAL A 193 11.59 28.03 1.48
CA VAL A 193 12.75 27.39 2.04
C VAL A 193 12.41 25.94 1.74
N VAL A 194 11.14 25.74 1.42
CA VAL A 194 10.60 24.43 1.06
C VAL A 194 11.27 23.94 -0.22
N GLU A 195 11.49 24.86 -1.16
CA GLU A 195 12.08 24.52 -2.43
C GLU A 195 13.56 24.21 -2.27
N GLN A 196 14.21 24.92 -1.34
CA GLN A 196 15.62 24.67 -1.09
C GLN A 196 15.74 23.40 -0.25
N GLU A 197 14.81 23.20 0.67
CA GLU A 197 14.80 22.00 1.49
C GLU A 197 14.50 20.83 0.56
N TRP A 198 13.68 21.07 -0.46
CA TRP A 198 13.31 20.04 -1.43
C TRP A 198 14.56 19.63 -2.21
N ARG A 199 15.25 20.61 -2.79
CA ARG A 199 16.44 20.36 -3.59
C ARG A 199 17.64 19.77 -2.81
N ALA A 200 17.53 19.72 -1.48
CA ALA A 200 18.58 19.18 -0.63
C ALA A 200 18.41 17.69 -0.21
N MET A 201 17.25 17.10 -0.49
CA MET A 201 17.01 15.70 -0.13
C MET A 201 17.94 14.69 -0.83
N THR A 202 18.15 13.54 -0.20
CA THR A 202 19.01 12.51 -0.79
C THR A 202 18.27 11.17 -0.87
N ASP A 203 17.03 11.18 -0.41
CA ASP A 203 16.18 9.98 -0.40
C ASP A 203 14.71 10.45 -0.46
N VAL A 204 13.95 9.89 -1.40
CA VAL A 204 12.54 10.28 -1.59
C VAL A 204 11.64 10.20 -0.36
N HIS A 205 12.03 9.40 0.63
CA HIS A 205 11.25 9.25 1.85
C HIS A 205 11.47 10.45 2.78
N GLN A 206 12.44 11.29 2.43
CA GLN A 206 12.71 12.49 3.21
C GLN A 206 11.62 13.54 2.95
N PHE A 207 10.83 13.34 1.90
CA PHE A 207 9.78 14.27 1.55
C PHE A 207 8.71 14.37 2.65
N PHE A 208 8.49 13.24 3.34
CA PHE A 208 7.52 13.18 4.42
C PHE A 208 7.92 14.11 5.57
N THR A 209 9.18 14.02 5.98
CA THR A 209 9.66 14.85 7.08
C THR A 209 9.48 16.32 6.70
N LEU A 210 9.67 16.64 5.41
CA LEU A 210 9.51 18.00 4.95
C LEU A 210 8.06 18.46 5.15
N LEU A 211 7.13 17.57 4.85
CA LEU A 211 5.71 17.87 4.99
C LEU A 211 5.43 18.08 6.49
N LYS A 212 5.94 17.15 7.29
CA LYS A 212 5.77 17.18 8.74
C LYS A 212 6.37 18.46 9.29
N ARG A 213 7.56 18.81 8.81
CA ARG A 213 8.25 20.01 9.30
C ARG A 213 7.57 21.37 8.98
N HIS A 214 6.59 21.35 8.09
CA HIS A 214 5.92 22.60 7.76
C HIS A 214 4.40 22.51 7.81
N ASN A 215 3.87 21.36 8.20
CA ASN A 215 2.45 21.15 8.29
C ASN A 215 1.78 21.33 6.92
N LEU A 216 2.35 20.70 5.90
CA LEU A 216 1.81 20.81 4.55
C LEU A 216 1.32 19.50 3.97
N THR A 217 0.29 19.58 3.14
CA THR A 217 -0.25 18.44 2.43
C THR A 217 0.69 18.31 1.23
N ARG A 218 0.74 17.14 0.59
CA ARG A 218 1.62 16.94 -0.57
C ARG A 218 1.24 17.93 -1.66
N GLN A 219 -0.07 18.07 -1.87
CA GLN A 219 -0.58 18.99 -2.87
C GLN A 219 -0.31 20.44 -2.47
N GLN A 220 -0.22 20.73 -1.17
CA GLN A 220 0.06 22.12 -0.79
C GLN A 220 1.51 22.44 -1.10
N ALA A 221 2.37 21.46 -0.88
CA ALA A 221 3.78 21.62 -1.18
C ALA A 221 3.92 21.71 -2.69
N PHE A 222 3.17 20.91 -3.45
CA PHE A 222 3.30 20.98 -4.91
C PHE A 222 2.88 22.36 -5.42
N ASN A 223 1.81 22.90 -4.87
CA ASN A 223 1.35 24.23 -5.28
C ASN A 223 2.09 25.30 -4.51
N LEU A 224 3.40 25.16 -4.42
CA LEU A 224 4.22 26.13 -3.71
C LEU A 224 5.58 26.19 -4.38
N VAL A 225 6.01 25.04 -4.89
CA VAL A 225 7.31 24.92 -5.56
C VAL A 225 7.23 25.15 -7.06
N ALA A 226 8.40 25.35 -7.67
CA ALA A 226 8.50 25.58 -9.11
C ALA A 226 7.93 24.40 -9.88
N ASP A 227 7.64 24.64 -11.15
CA ASP A 227 7.10 23.60 -12.02
C ASP A 227 8.05 22.45 -12.30
N ASP A 228 9.36 22.72 -12.30
CA ASP A 228 10.33 21.66 -12.58
C ASP A 228 10.43 20.66 -11.45
N LEU A 229 9.82 20.98 -10.32
CA LEU A 229 9.84 20.08 -9.16
C LEU A 229 8.48 19.42 -9.04
N ALA A 230 7.45 20.09 -9.56
CA ALA A 230 6.08 19.60 -9.50
C ALA A 230 5.18 20.30 -10.53
N CYS A 231 4.60 19.51 -11.43
CA CYS A 231 3.72 20.01 -12.47
C CYS A 231 2.43 19.18 -12.58
N LYS A 232 1.28 19.84 -12.47
CA LYS A 232 0.01 19.13 -12.57
C LYS A 232 -0.31 18.70 -14.00
N VAL A 233 -0.67 17.43 -14.18
CA VAL A 233 -0.96 16.93 -15.51
C VAL A 233 -2.38 16.43 -15.62
N SER A 234 -2.76 16.00 -16.81
CA SER A 234 -4.11 15.51 -17.04
C SER A 234 -4.44 14.28 -16.17
N ASN A 235 -5.72 14.12 -15.85
CA ASN A 235 -6.15 12.97 -15.07
C ASN A 235 -6.08 11.68 -15.90
N SER A 236 -5.65 11.80 -17.14
CA SER A 236 -5.52 10.63 -18.00
C SER A 236 -4.05 10.24 -18.08
N ALA A 237 -3.23 10.81 -17.20
CA ALA A 237 -1.81 10.50 -17.18
C ALA A 237 -1.48 9.03 -16.88
N LEU A 238 -2.29 8.39 -16.01
CA LEU A 238 -2.06 6.99 -15.66
C LEU A 238 -2.33 6.08 -16.86
N ALA A 239 -3.51 6.26 -17.46
CA ALA A 239 -3.91 5.50 -18.64
C ALA A 239 -2.85 5.67 -19.73
N GLN A 240 -2.33 6.88 -19.87
CA GLN A 240 -1.29 7.19 -20.86
C GLN A 240 0.05 6.54 -20.56
N ILE A 241 0.45 6.55 -19.29
CA ILE A 241 1.72 5.96 -18.91
C ILE A 241 1.79 4.43 -19.06
N LEU A 242 0.73 3.73 -18.65
CA LEU A 242 0.76 2.28 -18.75
C LEU A 242 0.42 1.71 -20.13
N GLU A 243 0.05 2.57 -21.08
CA GLU A 243 -0.20 2.05 -22.41
C GLU A 243 1.17 2.14 -23.09
N SER A 244 1.98 3.12 -22.66
CA SER A 244 3.31 3.28 -23.19
C SER A 244 4.20 2.18 -22.62
N ALA A 245 4.04 1.90 -21.33
CA ALA A 245 4.82 0.84 -20.70
C ALA A 245 4.48 -0.50 -21.35
N GLN A 246 3.22 -0.68 -21.71
CA GLN A 246 2.79 -1.93 -22.31
C GLN A 246 3.47 -2.15 -23.68
N GLN A 247 3.55 -1.10 -24.51
CA GLN A 247 4.17 -1.23 -25.82
C GLN A 247 5.69 -1.26 -25.73
N ASP A 248 6.28 -0.28 -25.07
CA ASP A 248 7.73 -0.22 -24.91
C ASP A 248 8.24 -1.43 -24.13
N GLY A 249 7.40 -1.98 -23.27
CA GLY A 249 7.77 -3.16 -22.50
C GLY A 249 8.85 -2.99 -21.44
N ASN A 250 9.28 -1.75 -21.18
CA ASN A 250 10.30 -1.49 -20.16
C ASN A 250 9.72 -1.72 -18.76
N GLU A 251 10.60 -2.00 -17.79
CA GLU A 251 10.14 -2.23 -16.41
C GLU A 251 9.75 -0.93 -15.68
N ILE A 252 8.67 -1.00 -14.92
CA ILE A 252 8.18 0.14 -14.13
C ILE A 252 7.91 -0.32 -12.69
N MET A 253 7.63 0.65 -11.82
CA MET A 253 7.34 0.40 -10.41
C MET A 253 6.02 1.05 -10.01
N VAL A 254 5.16 0.29 -9.35
CA VAL A 254 3.88 0.80 -8.88
C VAL A 254 3.89 0.75 -7.36
N PHE A 255 3.54 1.86 -6.72
CA PHE A 255 3.49 1.96 -5.25
C PHE A 255 2.05 2.23 -4.79
N VAL A 256 1.58 1.46 -3.82
CA VAL A 256 0.24 1.66 -3.26
C VAL A 256 0.41 1.57 -1.75
N GLY A 257 -0.20 2.50 -1.01
CA GLY A 257 -0.05 2.47 0.43
C GLY A 257 -1.09 3.19 1.27
N ASN A 258 -1.00 3.00 2.57
CA ASN A 258 -1.92 3.60 3.54
C ASN A 258 -1.04 4.18 4.66
N ARG A 259 -1.66 4.69 5.73
CA ARG A 259 -0.88 5.32 6.82
C ARG A 259 0.11 4.41 7.54
N GLY A 260 -0.01 3.11 7.32
CA GLY A 260 0.91 2.20 7.98
C GLY A 260 1.66 1.20 7.11
N CYS A 261 1.38 1.13 5.82
CA CYS A 261 2.06 0.14 4.96
C CYS A 261 2.13 0.61 3.51
N VAL A 262 3.16 0.16 2.80
CA VAL A 262 3.37 0.47 1.39
C VAL A 262 3.88 -0.80 0.67
N GLN A 263 3.21 -1.19 -0.40
CA GLN A 263 3.57 -2.38 -1.18
C GLN A 263 4.03 -1.94 -2.59
N ILE A 264 5.15 -2.50 -3.05
CA ILE A 264 5.68 -2.12 -4.34
C ILE A 264 5.91 -3.19 -5.40
N PHE A 265 5.36 -2.95 -6.57
CA PHE A 265 5.52 -3.84 -7.69
C PHE A 265 6.57 -3.29 -8.63
N THR A 266 7.48 -4.17 -9.07
CA THR A 266 8.54 -3.82 -9.98
C THR A 266 8.46 -4.86 -11.10
N GLY A 267 8.30 -4.40 -12.34
CA GLY A 267 8.22 -5.36 -13.45
C GLY A 267 7.63 -4.83 -14.75
N VAL A 268 7.34 -5.75 -15.66
CA VAL A 268 6.75 -5.38 -16.96
C VAL A 268 5.23 -5.42 -16.88
N VAL A 269 4.56 -4.47 -17.52
CA VAL A 269 3.10 -4.49 -17.50
C VAL A 269 2.60 -5.29 -18.71
N GLU A 270 1.80 -6.33 -18.42
CA GLU A 270 1.24 -7.21 -19.45
C GLU A 270 -0.10 -6.73 -20.00
N LYS A 271 -1.15 -6.82 -19.19
CA LYS A 271 -2.46 -6.42 -19.64
C LYS A 271 -3.05 -5.29 -18.81
N VAL A 272 -3.65 -4.33 -19.50
CA VAL A 272 -4.28 -3.23 -18.81
C VAL A 272 -5.72 -3.29 -19.27
N VAL A 273 -6.60 -3.71 -18.36
CA VAL A 273 -8.01 -3.86 -18.69
C VAL A 273 -8.93 -2.99 -17.83
N PRO A 274 -9.55 -1.98 -18.45
CA PRO A 274 -10.46 -1.06 -17.74
C PRO A 274 -11.89 -1.63 -17.75
N MET A 275 -12.69 -1.23 -16.75
CA MET A 275 -14.06 -1.68 -16.65
C MET A 275 -14.93 -0.77 -15.79
N LYS A 276 -15.78 0.01 -16.45
CA LYS A 276 -16.70 0.93 -15.80
C LYS A 276 -16.16 1.63 -14.56
N GLY A 277 -15.19 2.52 -14.74
CA GLY A 277 -14.64 3.23 -13.60
C GLY A 277 -13.33 2.63 -13.08
N TRP A 278 -13.18 1.33 -13.24
CA TRP A 278 -11.97 0.67 -12.77
C TRP A 278 -10.90 0.45 -13.84
N LEU A 279 -9.64 0.55 -13.43
CA LEU A 279 -8.53 0.33 -14.35
C LEU A 279 -7.74 -0.81 -13.71
N ASN A 280 -7.59 -1.91 -14.45
CA ASN A 280 -6.87 -3.05 -13.90
C ASN A 280 -5.59 -3.37 -14.61
N ILE A 281 -4.70 -4.03 -13.87
CA ILE A 281 -3.44 -4.51 -14.41
C ILE A 281 -3.48 -6.00 -14.04
N PHE A 282 -3.34 -6.86 -15.03
CA PHE A 282 -3.34 -8.29 -14.79
C PHE A 282 -2.03 -8.88 -15.21
N ASN A 283 -1.22 -9.23 -14.21
CA ASN A 283 0.09 -9.83 -14.43
C ASN A 283 0.07 -11.17 -13.74
N PRO A 284 0.95 -12.11 -14.16
CA PRO A 284 1.00 -13.45 -13.56
C PRO A 284 1.19 -13.51 -12.05
N THR A 285 1.95 -12.55 -11.49
CA THR A 285 2.19 -12.55 -10.05
C THR A 285 1.72 -11.25 -9.37
N PHE A 286 1.10 -10.36 -10.15
CA PHE A 286 0.64 -9.08 -9.61
C PHE A 286 -0.65 -8.60 -10.22
N THR A 287 -1.55 -8.10 -9.36
CA THR A 287 -2.84 -7.57 -9.80
C THR A 287 -3.10 -6.18 -9.20
N LEU A 288 -3.53 -5.25 -10.04
CA LEU A 288 -3.84 -3.92 -9.56
C LEU A 288 -5.27 -3.57 -9.95
N HIS A 289 -6.06 -3.13 -8.97
CA HIS A 289 -7.44 -2.68 -9.20
C HIS A 289 -7.44 -1.24 -8.74
N LEU A 290 -7.53 -0.28 -9.66
CA LEU A 290 -7.53 1.13 -9.25
C LEU A 290 -8.77 1.86 -9.74
N LEU A 291 -9.44 2.55 -8.82
CA LEU A 291 -10.64 3.27 -9.18
C LEU A 291 -10.28 4.47 -10.06
N GLU A 292 -10.21 4.25 -11.37
CA GLU A 292 -9.93 5.35 -12.25
C GLU A 292 -11.25 6.08 -12.40
N GLU A 293 -11.47 7.06 -11.52
CA GLU A 293 -12.68 7.85 -11.55
C GLU A 293 -12.65 8.71 -10.29
N SER A 294 -11.90 8.24 -9.30
CA SER A 294 -11.78 8.94 -8.04
C SER A 294 -10.59 9.89 -8.10
N ILE A 295 -9.82 9.83 -9.19
CA ILE A 295 -8.68 10.73 -9.31
C ILE A 295 -9.17 12.13 -9.62
N ALA A 296 -8.78 13.08 -8.78
CA ALA A 296 -9.19 14.48 -8.96
C ALA A 296 -8.01 15.32 -9.46
N GLU A 297 -6.80 14.83 -9.21
CA GLU A 297 -5.58 15.52 -9.62
C GLU A 297 -4.41 14.57 -9.84
N ALA A 298 -3.60 14.87 -10.86
CA ALA A 298 -2.44 14.04 -11.13
C ALA A 298 -1.26 15.01 -11.14
N TRP A 299 -0.10 14.54 -10.72
CA TRP A 299 1.09 15.39 -10.68
C TRP A 299 2.39 14.69 -11.06
N VAL A 300 3.25 15.38 -11.80
CA VAL A 300 4.55 14.82 -12.12
C VAL A 300 5.55 15.52 -11.20
N THR A 301 6.30 14.73 -10.44
CA THR A 301 7.25 15.32 -9.53
C THR A 301 8.68 14.82 -9.76
N ARG A 302 9.63 15.64 -9.35
CA ARG A 302 11.03 15.33 -9.49
C ARG A 302 11.68 15.46 -8.13
N LYS A 303 12.06 14.33 -7.55
CA LYS A 303 12.68 14.31 -6.24
C LYS A 303 14.16 13.90 -6.30
N PRO A 304 15.01 14.62 -5.56
CA PRO A 304 16.46 14.38 -5.49
C PRO A 304 16.84 13.09 -4.78
N THR A 305 17.90 12.46 -5.26
CA THR A 305 18.38 11.20 -4.71
C THR A 305 19.90 11.19 -4.72
N SER A 306 20.51 10.41 -3.82
CA SER A 306 21.97 10.32 -3.78
C SER A 306 22.54 9.81 -5.10
N ASP A 307 21.67 9.64 -6.11
CA ASP A 307 22.09 9.17 -7.42
C ASP A 307 21.56 10.02 -8.56
N GLY A 308 20.84 11.09 -8.22
CA GLY A 308 20.28 11.95 -9.24
C GLY A 308 18.79 12.13 -9.02
N TYR A 309 18.14 12.90 -9.86
CA TYR A 309 16.71 13.12 -9.71
C TYR A 309 15.87 11.97 -10.25
N VAL A 310 14.85 11.60 -9.50
CA VAL A 310 13.94 10.53 -9.87
C VAL A 310 12.59 11.15 -10.25
N THR A 311 12.03 10.72 -11.38
CA THR A 311 10.74 11.25 -11.82
C THR A 311 9.62 10.24 -11.58
N SER A 312 8.52 10.70 -11.00
CA SER A 312 7.40 9.82 -10.73
C SER A 312 6.08 10.51 -11.00
N LEU A 313 5.04 9.69 -11.17
CA LEU A 313 3.68 10.14 -11.40
C LEU A 313 2.92 9.88 -10.10
N GLU A 314 2.19 10.88 -9.62
CA GLU A 314 1.43 10.74 -8.40
C GLU A 314 -0.05 11.09 -8.63
N LEU A 315 -0.94 10.23 -8.13
CA LEU A 315 -2.38 10.36 -8.27
C LEU A 315 -3.04 10.73 -6.93
N PHE A 316 -4.05 11.60 -6.96
CA PHE A 316 -4.71 12.06 -5.73
C PHE A 316 -6.23 12.08 -5.78
N ALA A 317 -6.84 11.59 -4.71
CA ALA A 317 -8.30 11.57 -4.65
C ALA A 317 -8.77 12.93 -4.16
N HIS A 318 -10.06 13.20 -4.30
CA HIS A 318 -10.62 14.48 -3.89
C HIS A 318 -10.22 14.92 -2.46
N ASP A 319 -10.22 13.99 -1.51
CA ASP A 319 -9.87 14.32 -0.12
C ASP A 319 -8.37 14.50 0.07
N GLY A 320 -7.61 14.41 -1.01
CA GLY A 320 -6.17 14.58 -0.90
C GLY A 320 -5.40 13.31 -0.65
N THR A 321 -6.07 12.17 -0.66
CA THR A 321 -5.43 10.88 -0.44
C THR A 321 -4.57 10.52 -1.66
N GLN A 322 -3.40 9.93 -1.45
CA GLN A 322 -2.57 9.55 -2.58
C GLN A 322 -2.96 8.14 -3.00
N ILE A 323 -3.70 8.05 -4.10
CA ILE A 323 -4.14 6.76 -4.61
C ILE A 323 -2.92 5.89 -4.92
N ALA A 324 -1.94 6.46 -5.60
CA ALA A 324 -0.74 5.69 -5.93
C ALA A 324 0.27 6.54 -6.69
N GLN A 325 1.48 6.01 -6.83
CA GLN A 325 2.53 6.71 -7.55
C GLN A 325 3.38 5.73 -8.37
N LEU A 326 3.88 6.20 -9.51
CA LEU A 326 4.69 5.35 -10.37
C LEU A 326 6.12 5.86 -10.61
N TYR A 327 7.07 4.92 -10.71
CA TYR A 327 8.47 5.24 -10.97
C TYR A 327 8.98 4.30 -12.05
N GLY A 328 10.16 4.59 -12.59
CA GLY A 328 10.76 3.71 -13.57
C GLY A 328 11.49 2.71 -12.70
N GLN A 329 11.75 1.51 -13.21
CA GLN A 329 12.45 0.51 -12.39
C GLN A 329 13.81 1.09 -11.95
N ARG A 330 14.18 0.92 -10.68
CA ARG A 330 15.45 1.47 -10.21
C ARG A 330 15.78 1.10 -8.78
N THR A 331 17.05 0.85 -8.52
CA THR A 331 17.52 0.52 -7.17
C THR A 331 18.58 1.53 -6.78
N GLU A 332 19.01 1.49 -5.52
CA GLU A 332 20.02 2.41 -5.02
C GLU A 332 21.30 2.28 -5.82
N GLY A 333 21.97 3.40 -6.07
CA GLY A 333 23.20 3.40 -6.84
C GLY A 333 22.95 3.24 -8.32
N ASP A 334 21.69 3.35 -8.71
CA ASP A 334 21.29 3.19 -10.09
C ASP A 334 20.45 4.39 -10.50
N GLN A 335 20.63 4.84 -11.75
CA GLN A 335 19.88 5.99 -12.27
C GLN A 335 18.65 5.48 -13.04
N GLU A 336 17.60 6.28 -13.10
CA GLU A 336 16.40 5.86 -13.82
C GLU A 336 16.69 5.71 -15.32
N GLN A 337 16.21 4.61 -15.89
CA GLN A 337 16.39 4.30 -17.31
C GLN A 337 15.88 5.44 -18.18
N ALA A 338 16.57 5.69 -19.28
CA ALA A 338 16.18 6.77 -20.19
C ALA A 338 14.81 6.51 -20.80
N GLN A 339 14.49 5.25 -21.04
CA GLN A 339 13.21 4.89 -21.64
C GLN A 339 12.07 5.49 -20.80
N TRP A 340 12.13 5.29 -19.49
CA TRP A 340 11.12 5.82 -18.58
C TRP A 340 11.17 7.34 -18.65
N ARG A 341 12.39 7.87 -18.59
CA ARG A 341 12.59 9.31 -18.65
C ARG A 341 11.88 9.84 -19.89
N LYS A 342 12.07 9.15 -21.01
CA LYS A 342 11.44 9.55 -22.25
C LYS A 342 9.92 9.46 -22.15
N GLN A 343 9.43 8.31 -21.68
CA GLN A 343 8.00 8.09 -21.54
C GLN A 343 7.33 9.08 -20.60
N ILE A 344 8.05 9.47 -19.56
CA ILE A 344 7.51 10.39 -18.56
C ILE A 344 7.67 11.85 -18.98
N ALA A 345 8.81 12.17 -19.57
CA ALA A 345 9.12 13.52 -20.03
C ALA A 345 8.11 13.99 -21.07
N SER A 346 7.48 13.01 -21.70
CA SER A 346 6.50 13.27 -22.75
C SER A 346 5.17 13.76 -22.20
N LEU A 347 5.11 13.97 -20.88
CA LEU A 347 3.88 14.45 -20.24
C LEU A 347 4.09 15.85 -19.71
N ILE A 348 5.33 16.31 -19.79
CA ILE A 348 5.68 17.64 -19.32
C ILE A 348 6.71 18.28 -20.24
N PRO A 349 6.37 18.42 -21.53
CA PRO A 349 7.27 19.02 -22.53
C PRO A 349 7.42 20.53 -22.40
#